data_4YES
#
_entry.id   4YES
#
_cell.length_a   69.770
_cell.length_b   71.190
_cell.length_c   72.810
_cell.angle_alpha   90.000
_cell.angle_beta   100.640
_cell.angle_gamma   90.000
#
_symmetry.space_group_name_H-M   'C 1 2 1'
#
loop_
_entity.id
_entity.type
_entity.pdbx_description
1 polymer 'Thrombin light chain'
2 polymer 'Thrombin heavy chain'
3 polymer Hirudin
4 non-polymer 'MAGNESIUM ION'
5 non-polymer GLYCEROL
6 non-polymer 2-acetamido-2-deoxy-beta-D-glucopyranose
7 non-polymer N-[2-(aminomethyl)-5-chlorobenzyl]-1-[(5-methyl-1H-pyrrol-2-yl)carbonyl]-L-prolinamide
8 water water
#
loop_
_entity_poly.entity_id
_entity_poly.type
_entity_poly.pdbx_seq_one_letter_code
_entity_poly.pdbx_strand_id
1 'polypeptide(L)' TFGSGEADCGLRPLFEKKSLEDKTERELLESYIDGR A
2 'polypeptide(L)'
;IVEGSDAEIGMSPWQVMLFRKSPQELLCGASLISDRWVLTAAHCLLYPPWDKNFTENDLLVRIGKHSRTRYERNIEKISM
LEKIYIHPRYNWRENLDRDIALMKLKKPVAFSDYIHPVCLPDRETAASLLQAGYKGRVTGWGNLKETWTANVGKGQPSVL
QVVNLPIVERPVCKDSTRIRITDNMFCAGYKPDEGKRGDACEGDSGGPFVMKSPFNNRWYQMGIVSWGEGCDRDGKYGFY
THVFRLKKWIQKVIDQFGE
;
B
3 'polypeptide(L)' (ACE)GDFEEIPEE(TYS)LQ H
#
loop_
_chem_comp.id
_chem_comp.type
_chem_comp.name
_chem_comp.formula
45S non-polymer N-[2-(aminomethyl)-5-chlorobenzyl]-1-[(5-methyl-1H-pyrrol-2-yl)carbonyl]-L-prolinamide 'C19 H23 Cl N4 O2'
ACE non-polymer 'ACETYL GROUP' 'C2 H4 O'
GOL non-polymer GLYCEROL 'C3 H8 O3'
MG non-polymer 'MAGNESIUM ION' 'Mg 2'
NAG D-saccharide, beta linking 2-acetamido-2-deoxy-beta-D-glucopyranose 'C8 H15 N O6'
#
# COMPACT_ATOMS: atom_id res chain seq x y z
N GLY A 5 0.85 -0.40 -16.83
CA GLY A 5 1.63 -1.04 -17.86
C GLY A 5 2.24 -2.32 -17.33
N GLU A 6 1.57 -3.46 -17.63
CA GLU A 6 1.94 -4.80 -17.17
C GLU A 6 3.33 -5.25 -17.60
N ALA A 7 3.69 -5.07 -18.88
CA ALA A 7 4.99 -5.50 -19.42
C ALA A 7 6.18 -4.96 -18.63
N ASP A 8 6.16 -3.68 -18.31
CA ASP A 8 7.21 -2.97 -17.60
C ASP A 8 6.93 -2.77 -16.11
N CYS A 9 5.92 -3.46 -15.56
CA CYS A 9 5.56 -3.28 -14.15
C CYS A 9 6.73 -3.57 -13.21
N GLY A 10 6.75 -2.88 -12.07
CA GLY A 10 7.68 -3.11 -10.98
C GLY A 10 9.15 -2.83 -11.24
N LEU A 11 9.43 -2.10 -12.32
CA LEU A 11 10.79 -1.67 -12.66
C LEU A 11 10.79 -0.19 -12.56
N ARG A 12 11.49 0.33 -11.57
CA ARG A 12 11.50 1.75 -11.25
C ARG A 12 12.39 2.56 -12.19
N PRO A 13 11.88 3.66 -12.77
CA PRO A 13 12.74 4.48 -13.66
C PRO A 13 14.03 4.99 -13.01
N LEU A 14 14.03 5.31 -11.72
CA LEU A 14 15.22 5.86 -11.04
C LEU A 14 16.11 4.82 -10.42
N PHE A 15 15.70 3.54 -10.52
CA PHE A 15 16.45 2.48 -9.88
C PHE A 15 16.73 1.35 -10.84
N GLU A 16 15.85 0.35 -10.96
CA GLU A 16 16.05 -0.78 -11.87
C GLU A 16 16.34 -0.36 -13.31
N LYS A 17 15.58 0.62 -13.86
CA LYS A 17 15.80 1.06 -15.26
C LYS A 17 17.17 1.66 -15.50
N LYS A 18 17.87 2.10 -14.43
CA LYS A 18 19.22 2.71 -14.48
C LYS A 18 20.28 1.80 -13.82
N SER A 19 19.90 0.59 -13.37
CA SER A 19 20.76 -0.32 -12.61
C SER A 19 21.34 0.35 -11.37
N LEU A 20 20.48 1.16 -10.68
CA LEU A 20 20.85 1.81 -9.43
C LEU A 20 20.05 1.13 -8.33
N GLU A 21 20.65 0.96 -7.17
CA GLU A 21 19.99 0.27 -6.06
C GLU A 21 19.61 1.27 -4.99
N ASP A 22 18.47 1.04 -4.31
CA ASP A 22 18.13 1.94 -3.23
C ASP A 22 18.90 1.55 -1.97
N LYS A 23 18.88 2.40 -0.93
CA LYS A 23 19.69 2.17 0.26
C LYS A 23 19.35 0.94 1.11
N THR A 24 18.12 0.38 1.02
CA THR A 24 17.80 -0.76 1.87
C THR A 24 17.25 -2.00 1.15
N GLU A 25 17.22 -2.01 -0.21
CA GLU A 25 16.72 -3.19 -0.92
C GLU A 25 17.57 -4.43 -0.65
N ARG A 26 18.89 -4.24 -0.36
CA ARG A 26 19.81 -5.33 -0.04
C ARG A 26 19.28 -6.13 1.17
N GLU A 27 18.66 -5.44 2.18
CA GLU A 27 18.06 -6.10 3.36
C GLU A 27 16.96 -7.09 2.96
N LEU A 28 16.16 -6.74 1.94
CA LEU A 28 15.14 -7.66 1.46
C LEU A 28 15.77 -8.88 0.81
N LEU A 29 16.72 -8.66 -0.11
CA LEU A 29 17.40 -9.76 -0.82
C LEU A 29 18.05 -10.73 0.18
N GLU A 30 18.71 -10.17 1.19
CA GLU A 30 19.39 -11.01 2.21
C GLU A 30 18.42 -11.89 2.98
N SER A 31 17.17 -11.42 3.13
CA SER A 31 16.16 -12.20 3.85
C SER A 31 15.61 -13.35 3.00
N TYR A 32 15.78 -13.30 1.66
CA TYR A 32 15.25 -14.34 0.75
C TYR A 32 16.27 -15.45 0.65
N ILE A 33 16.09 -16.48 1.49
CA ILE A 33 17.01 -17.61 1.60
C ILE A 33 16.31 -18.94 1.18
N ILE B 1 3.79 5.45 9.36
CA ILE B 1 4.83 4.46 9.52
C ILE B 1 5.61 4.72 10.79
N VAL B 2 5.75 3.71 11.64
CA VAL B 2 6.50 3.80 12.89
C VAL B 2 7.89 3.20 12.71
N GLU B 3 8.95 3.91 13.18
CA GLU B 3 10.36 3.50 13.13
C GLU B 3 10.86 3.27 11.70
N GLY B 4 10.32 4.06 10.77
CA GLY B 4 10.73 4.02 9.38
C GLY B 4 11.76 5.09 9.08
N SER B 5 11.95 5.37 7.80
CA SER B 5 12.88 6.41 7.36
C SER B 5 12.29 7.11 6.15
N ASP B 6 12.82 8.29 5.79
CA ASP B 6 12.34 9.03 4.64
C ASP B 6 12.60 8.23 3.38
N ALA B 7 11.60 8.11 2.49
CA ALA B 7 11.79 7.43 1.20
C ALA B 7 12.77 8.23 0.33
N GLU B 8 13.51 7.52 -0.53
CA GLU B 8 14.34 8.21 -1.52
C GLU B 8 13.43 8.66 -2.66
N ILE B 9 13.86 9.64 -3.47
CA ILE B 9 13.07 10.08 -4.61
C ILE B 9 12.88 8.92 -5.59
N GLY B 10 11.63 8.69 -5.97
CA GLY B 10 11.25 7.65 -6.94
C GLY B 10 11.43 6.24 -6.43
N MET B 11 11.57 6.06 -5.10
CA MET B 11 11.77 4.72 -4.49
C MET B 11 10.51 3.85 -4.53
N SER B 12 9.33 4.50 -4.52
CA SER B 12 8.05 3.79 -4.49
C SER B 12 7.12 4.51 -5.48
N PRO B 13 7.38 4.42 -6.80
CA PRO B 13 6.62 5.21 -7.79
C PRO B 13 5.19 4.78 -8.02
N TRP B 14 4.82 3.65 -7.40
CA TRP B 14 3.46 3.13 -7.43
C TRP B 14 2.69 3.67 -6.22
N GLN B 15 3.35 4.37 -5.27
CA GLN B 15 2.63 4.86 -4.05
C GLN B 15 1.59 5.88 -4.45
N VAL B 16 0.35 5.70 -3.93
CA VAL B 16 -0.74 6.63 -4.24
C VAL B 16 -1.27 7.16 -2.92
N MET B 17 -1.64 8.45 -2.91
CA MET B 17 -2.26 9.05 -1.73
C MET B 17 -3.74 9.17 -2.02
N LEU B 18 -4.59 8.66 -1.08
CA LEU B 18 -6.05 8.85 -1.17
C LEU B 18 -6.30 10.15 -0.41
N PHE B 19 -6.88 11.13 -1.10
CA PHE B 19 -7.02 12.49 -0.53
C PHE B 19 -8.47 12.94 -0.45
N ARG B 20 -8.90 13.40 0.74
CA ARG B 20 -10.27 13.90 0.89
C ARG B 20 -10.31 15.34 0.37
N LYS B 21 -11.28 15.64 -0.51
CA LYS B 21 -11.50 16.97 -1.11
C LYS B 21 -11.85 18.05 -0.07
N SER B 22 -12.76 17.74 0.89
CA SER B 22 -13.22 18.69 1.92
C SER B 22 -13.71 18.02 3.21
N PRO B 23 -13.06 18.25 4.39
CA PRO B 23 -11.83 19.03 4.60
C PRO B 23 -10.65 18.38 3.88
N GLN B 24 -9.68 19.18 3.40
CA GLN B 24 -8.51 18.68 2.66
C GLN B 24 -7.61 17.92 3.60
N GLU B 25 -7.55 16.58 3.45
CA GLU B 25 -6.73 15.74 4.32
C GLU B 25 -6.36 14.39 3.69
N LEU B 26 -5.30 13.77 4.21
CA LEU B 26 -4.87 12.43 3.78
C LEU B 26 -5.89 11.45 4.36
N LEU B 27 -6.42 10.55 3.51
CA LEU B 27 -7.32 9.52 4.00
C LEU B 27 -6.58 8.20 4.18
N CYS B 28 -5.78 7.81 3.20
CA CYS B 28 -5.16 6.50 3.21
C CYS B 28 -4.04 6.50 2.19
N GLY B 29 -3.47 5.33 2.05
CA GLY B 29 -2.54 4.98 0.98
C GLY B 29 -3.28 4.18 -0.07
N ALA B 30 -2.60 3.91 -1.17
CA ALA B 30 -3.11 3.12 -2.27
C ALA B 30 -1.91 2.80 -3.19
N SER B 31 -2.12 2.04 -4.21
CA SER B 31 -1.03 1.69 -5.12
C SER B 31 -1.49 1.71 -6.55
N LEU B 32 -0.57 2.08 -7.47
CA LEU B 32 -0.89 2.13 -8.88
C LEU B 32 -0.59 0.77 -9.51
N ILE B 33 -1.58 0.12 -10.19
CA ILE B 33 -1.34 -1.19 -10.77
C ILE B 33 -1.41 -1.19 -12.35
N SER B 34 -1.84 -0.05 -12.93
CA SER B 34 -1.87 0.15 -14.40
C SER B 34 -2.07 1.65 -14.59
N ASP B 35 -2.22 2.13 -15.83
CA ASP B 35 -2.46 3.57 -16.01
C ASP B 35 -3.87 4.01 -15.62
N ARG B 36 -4.80 3.05 -15.41
CA ARG B 36 -6.20 3.38 -15.06
C ARG B 36 -6.67 2.82 -13.72
N TRP B 37 -5.91 1.91 -13.10
CA TRP B 37 -6.39 1.20 -11.92
C TRP B 37 -5.54 1.41 -10.70
N VAL B 38 -6.20 1.68 -9.57
CA VAL B 38 -5.55 1.91 -8.30
C VAL B 38 -6.13 0.91 -7.27
N LEU B 39 -5.25 0.29 -6.48
CA LEU B 39 -5.64 -0.71 -5.48
C LEU B 39 -5.54 -0.08 -4.10
N THR B 40 -6.52 -0.38 -3.21
CA THR B 40 -6.43 0.14 -1.84
C THR B 40 -7.15 -0.87 -0.91
N ALA B 41 -7.28 -0.49 0.36
CA ALA B 41 -8.02 -1.27 1.37
C ALA B 41 -9.48 -0.82 1.32
N ALA B 42 -10.42 -1.79 1.34
CA ALA B 42 -11.86 -1.49 1.34
C ALA B 42 -12.25 -0.58 2.52
N HIS B 43 -11.60 -0.72 3.67
CA HIS B 43 -11.93 0.06 4.85
C HIS B 43 -11.59 1.55 4.70
N CYS B 44 -10.73 1.87 3.72
CA CYS B 44 -10.37 3.26 3.41
C CYS B 44 -11.57 3.96 2.80
N LEU B 45 -12.49 3.18 2.20
CA LEU B 45 -13.67 3.71 1.52
C LEU B 45 -14.96 3.44 2.29
N LEU B 46 -15.06 2.28 2.94
CA LEU B 46 -16.27 1.86 3.64
C LEU B 46 -15.92 1.27 4.97
N TYR B 47 -16.26 1.96 6.07
CA TYR B 47 -16.05 1.47 7.41
C TYR B 47 -17.18 2.02 8.29
N PRO B 48 -18.36 1.33 8.28
CA PRO B 48 -19.52 1.80 9.08
C PRO B 48 -19.28 2.07 10.57
N PRO B 49 -18.38 1.36 11.32
CA PRO B 49 -18.15 1.74 12.72
C PRO B 49 -17.69 3.18 12.93
N TRP B 50 -17.01 3.76 11.91
CA TRP B 50 -16.51 5.13 11.95
C TRP B 50 -17.34 6.07 11.05
N ASP B 51 -18.53 5.62 10.60
CA ASP B 51 -19.44 6.33 9.69
C ASP B 51 -18.78 6.72 8.35
N LYS B 52 -17.80 5.90 7.93
CA LYS B 52 -17.08 6.09 6.68
C LYS B 52 -17.78 5.33 5.55
N ASN B 53 -18.17 6.06 4.50
CA ASN B 53 -18.78 5.52 3.29
C ASN B 53 -18.57 6.53 2.18
N PHE B 54 -17.32 6.61 1.69
CA PHE B 54 -16.99 7.57 0.63
C PHE B 54 -17.51 7.15 -0.72
N THR B 55 -17.92 8.16 -1.49
CA THR B 55 -18.31 7.99 -2.87
C THR B 55 -17.16 8.60 -3.72
N GLU B 56 -17.13 8.28 -5.00
CA GLU B 56 -16.11 8.71 -5.96
C GLU B 56 -15.85 10.20 -5.92
N ASN B 57 -16.94 11.03 -5.87
CA ASN B 57 -16.82 12.48 -5.91
C ASN B 57 -16.24 13.09 -4.64
N ASP B 58 -16.15 12.31 -3.57
CA ASP B 58 -15.59 12.79 -2.31
C ASP B 58 -14.07 12.80 -2.31
N LEU B 59 -13.45 12.08 -3.27
CA LEU B 59 -12.00 11.84 -3.23
C LEU B 59 -11.20 12.14 -4.48
N LEU B 60 -9.89 12.29 -4.27
CA LEU B 60 -8.89 12.44 -5.32
C LEU B 60 -7.79 11.43 -5.04
N VAL B 61 -7.08 10.98 -6.10
CA VAL B 61 -5.89 10.15 -5.92
C VAL B 61 -4.73 11.02 -6.37
N ARG B 62 -3.70 11.13 -5.54
CA ARG B 62 -2.51 11.94 -5.84
C ARG B 62 -1.36 10.94 -6.04
N ILE B 63 -0.78 10.93 -7.24
CA ILE B 63 0.24 9.95 -7.64
C ILE B 63 1.58 10.65 -7.90
N GLY B 64 2.69 10.00 -7.57
CA GLY B 64 4.02 10.57 -7.81
C GLY B 64 4.49 11.43 -6.67
N LYS B 65 3.82 11.35 -5.51
CA LYS B 65 4.17 12.18 -4.41
C LYS B 65 5.32 11.72 -3.58
N HIS B 66 5.86 12.68 -2.83
CA HIS B 66 6.93 12.53 -1.88
C HIS B 66 6.58 13.29 -0.59
N SER B 67 6.42 14.61 -0.67
CA SER B 67 6.04 15.43 0.48
C SER B 67 4.59 15.06 0.84
N ARG B 68 4.26 14.95 2.12
CA ARG B 68 2.88 14.66 2.57
C ARG B 68 1.94 15.82 2.23
N THR B 69 2.22 17.02 2.81
CA THR B 69 1.33 18.20 2.75
C THR B 69 1.53 19.14 1.58
N ARG B 70 2.74 19.19 1.00
CA ARG B 70 3.00 20.12 -0.10
C ARG B 70 2.38 19.73 -1.41
N TYR B 71 2.03 20.73 -2.24
CA TYR B 71 1.56 20.49 -3.58
C TYR B 71 2.86 20.42 -4.42
N GLU B 72 3.17 19.22 -4.94
CA GLU B 72 4.43 18.97 -5.67
C GLU B 72 4.27 19.21 -7.15
N ARG B 73 4.24 20.51 -7.48
CA ARG B 73 4.05 21.01 -8.82
C ARG B 73 5.12 20.42 -9.78
N ASN B 74 4.65 19.95 -10.94
CA ASN B 74 5.36 19.34 -12.08
C ASN B 74 5.79 17.86 -11.85
N ILE B 75 5.46 17.33 -10.66
CA ILE B 75 5.85 15.98 -10.25
C ILE B 75 4.62 15.13 -10.01
N GLU B 76 3.85 15.49 -8.96
CA GLU B 76 2.65 14.76 -8.65
C GLU B 76 1.57 15.01 -9.69
N LYS B 77 0.71 14.01 -9.88
CA LYS B 77 -0.44 14.05 -10.75
C LYS B 77 -1.67 13.77 -9.90
N ILE B 78 -2.70 14.62 -10.05
CA ILE B 78 -3.94 14.46 -9.29
C ILE B 78 -5.02 13.90 -10.21
N SER B 79 -5.62 12.76 -9.83
CA SER B 79 -6.62 12.09 -10.64
C SER B 79 -7.97 11.94 -9.92
N MET B 80 -9.04 12.02 -10.72
CA MET B 80 -10.42 11.89 -10.27
C MET B 80 -10.86 10.46 -10.47
N LEU B 81 -11.73 9.98 -9.60
CA LEU B 81 -12.22 8.60 -9.68
C LEU B 81 -13.45 8.46 -10.52
N GLU B 82 -13.46 7.45 -11.39
CA GLU B 82 -14.59 7.09 -12.24
C GLU B 82 -15.51 6.15 -11.44
N LYS B 83 -14.94 5.11 -10.79
CA LYS B 83 -15.73 4.15 -10.04
C LYS B 83 -14.91 3.45 -8.95
N ILE B 84 -15.55 3.18 -7.82
CA ILE B 84 -15.01 2.44 -6.68
C ILE B 84 -15.62 1.04 -6.74
N TYR B 85 -14.78 -0.03 -6.57
CA TYR B 85 -15.27 -1.42 -6.52
C TYR B 85 -14.77 -2.05 -5.24
N ILE B 86 -15.68 -2.40 -4.32
CA ILE B 86 -15.30 -3.01 -3.03
C ILE B 86 -15.55 -4.51 -3.12
N HIS B 87 -14.64 -5.35 -2.56
CA HIS B 87 -14.87 -6.79 -2.57
C HIS B 87 -16.27 -7.10 -1.98
N PRO B 88 -17.09 -7.90 -2.70
CA PRO B 88 -18.45 -8.20 -2.19
C PRO B 88 -18.47 -8.98 -0.87
N ARG B 89 -17.36 -9.68 -0.52
CA ARG B 89 -17.29 -10.43 0.74
C ARG B 89 -16.35 -9.77 1.76
N TYR B 90 -16.09 -8.44 1.61
CA TYR B 90 -15.34 -7.64 2.56
C TYR B 90 -16.07 -7.68 3.93
N ASN B 91 -15.37 -8.08 4.97
CA ASN B 91 -15.93 -8.25 6.32
C ASN B 91 -15.52 -7.15 7.28
N TRP B 92 -16.23 -6.00 7.22
CA TRP B 92 -15.95 -4.89 8.13
C TRP B 92 -16.52 -5.16 9.54
N ARG B 93 -17.48 -6.08 9.64
CA ARG B 93 -18.13 -6.35 10.94
C ARG B 93 -17.24 -7.02 11.95
N GLU B 94 -16.37 -7.94 11.50
CA GLU B 94 -15.56 -8.72 12.44
C GLU B 94 -14.07 -8.40 12.46
N ASN B 95 -13.36 -8.79 11.39
CA ASN B 95 -11.91 -8.77 11.34
C ASN B 95 -11.30 -8.19 10.09
N LEU B 96 -12.06 -7.43 9.30
CA LEU B 96 -11.56 -6.82 8.06
C LEU B 96 -11.10 -7.88 7.03
N ASP B 97 -11.75 -9.04 7.03
CA ASP B 97 -11.46 -10.08 6.06
C ASP B 97 -11.74 -9.54 4.64
N ARG B 98 -10.81 -9.78 3.69
CA ARG B 98 -10.94 -9.35 2.28
C ARG B 98 -10.99 -7.82 2.22
N ASP B 99 -10.04 -7.18 2.92
CA ASP B 99 -9.96 -5.71 3.00
C ASP B 99 -9.31 -5.21 1.71
N ILE B 100 -10.09 -5.21 0.62
CA ILE B 100 -9.55 -4.83 -0.69
C ILE B 100 -10.57 -4.06 -1.51
N ALA B 101 -10.09 -3.06 -2.26
CA ALA B 101 -10.93 -2.29 -3.17
C ALA B 101 -10.12 -1.84 -4.36
N LEU B 102 -10.79 -1.66 -5.50
CA LEU B 102 -10.20 -1.12 -6.71
C LEU B 102 -10.85 0.23 -7.03
N MET B 103 -10.06 1.15 -7.58
CA MET B 103 -10.56 2.48 -7.97
C MET B 103 -10.13 2.68 -9.41
N LYS B 104 -11.10 2.90 -10.32
CA LYS B 104 -10.82 3.16 -11.73
C LYS B 104 -10.75 4.67 -11.93
N LEU B 105 -9.65 5.13 -12.57
CA LEU B 105 -9.44 6.56 -12.80
C LEU B 105 -10.26 7.06 -13.97
N LYS B 106 -10.69 8.34 -13.92
CA LYS B 106 -11.47 8.93 -15.02
C LYS B 106 -10.65 8.97 -16.31
N LYS B 107 -9.35 9.29 -16.20
CA LYS B 107 -8.43 9.36 -17.33
C LYS B 107 -7.15 8.59 -17.02
N PRO B 108 -6.41 8.05 -18.04
CA PRO B 108 -5.13 7.39 -17.71
C PRO B 108 -4.07 8.36 -17.21
N VAL B 109 -3.26 7.91 -16.25
CA VAL B 109 -2.17 8.69 -15.70
C VAL B 109 -0.93 8.46 -16.58
N ALA B 110 -0.20 9.55 -16.90
CA ALA B 110 1.01 9.40 -17.71
C ALA B 110 2.13 8.94 -16.78
N PHE B 111 2.90 7.93 -17.20
CA PHE B 111 4.00 7.43 -16.37
C PHE B 111 5.18 8.39 -16.51
N SER B 112 6.02 8.41 -15.47
CA SER B 112 7.19 9.30 -15.42
C SER B 112 8.23 8.68 -14.50
N ASP B 113 9.28 9.44 -14.16
CA ASP B 113 10.30 8.99 -13.23
C ASP B 113 9.74 8.72 -11.83
N TYR B 114 8.59 9.35 -11.50
CA TYR B 114 7.98 9.32 -10.17
C TYR B 114 6.69 8.52 -10.11
N ILE B 115 6.18 8.06 -11.26
CA ILE B 115 4.89 7.39 -11.49
C ILE B 115 5.06 6.17 -12.33
N HIS B 116 4.87 4.99 -11.72
CA HIS B 116 5.08 3.73 -12.43
C HIS B 116 4.33 2.62 -11.68
N PRO B 117 3.68 1.69 -12.37
CA PRO B 117 2.93 0.64 -11.66
C PRO B 117 3.79 -0.44 -11.06
N VAL B 118 3.25 -1.05 -10.02
CA VAL B 118 3.87 -2.21 -9.36
C VAL B 118 3.24 -3.43 -9.99
N CYS B 119 3.94 -4.58 -9.91
CA CYS B 119 3.38 -5.83 -10.44
C CYS B 119 2.44 -6.45 -9.44
N LEU B 120 1.53 -7.30 -9.96
CA LEU B 120 0.71 -8.13 -9.07
C LEU B 120 1.29 -9.52 -9.16
N PRO B 121 1.40 -10.23 -8.03
CA PRO B 121 2.02 -11.56 -8.06
C PRO B 121 1.18 -12.61 -8.79
N ASP B 122 1.86 -13.62 -9.35
CA ASP B 122 1.17 -14.79 -9.89
C ASP B 122 1.35 -15.88 -8.82
N ARG B 123 0.77 -17.06 -8.99
CA ARG B 123 0.88 -18.13 -7.99
C ARG B 123 2.31 -18.50 -7.60
N GLU B 124 3.23 -18.54 -8.58
CA GLU B 124 4.62 -18.95 -8.35
C GLU B 124 5.40 -17.93 -7.52
N THR B 125 5.27 -16.63 -7.87
CA THR B 125 5.94 -15.57 -7.13
C THR B 125 5.43 -15.52 -5.68
N ALA B 126 4.11 -15.66 -5.50
CA ALA B 126 3.51 -15.68 -4.16
C ALA B 126 4.01 -16.87 -3.35
N ALA B 127 4.04 -18.08 -3.95
CA ALA B 127 4.51 -19.28 -3.27
C ALA B 127 5.98 -19.16 -2.90
N SER B 128 6.80 -18.59 -3.81
CA SER B 128 8.22 -18.41 -3.54
C SER B 128 8.54 -17.36 -2.47
N LEU B 129 7.85 -16.21 -2.50
CA LEU B 129 8.19 -15.09 -1.62
C LEU B 129 7.39 -14.93 -0.32
N LEU B 130 6.17 -15.43 -0.28
CA LEU B 130 5.35 -15.25 0.92
C LEU B 130 5.69 -16.31 1.95
N GLN B 131 6.85 -16.14 2.59
CA GLN B 131 7.37 -17.11 3.56
C GLN B 131 7.86 -16.40 4.78
N ALA B 132 7.64 -17.01 5.94
CA ALA B 132 8.10 -16.46 7.22
C ALA B 132 9.59 -16.12 7.17
N GLY B 133 9.95 -14.94 7.65
CA GLY B 133 11.33 -14.49 7.64
C GLY B 133 11.69 -13.62 6.45
N TYR B 134 10.98 -13.80 5.31
CA TYR B 134 11.27 -13.01 4.12
C TYR B 134 10.71 -11.63 4.40
N LYS B 135 11.46 -10.58 4.02
CA LYS B 135 11.05 -9.22 4.30
C LYS B 135 10.38 -8.55 3.12
N GLY B 136 9.39 -7.70 3.44
CA GLY B 136 8.73 -6.86 2.47
C GLY B 136 8.90 -5.43 2.90
N ARG B 137 8.40 -4.50 2.09
CA ARG B 137 8.55 -3.09 2.35
C ARG B 137 7.19 -2.43 2.40
N VAL B 138 6.98 -1.59 3.43
CA VAL B 138 5.72 -0.87 3.61
C VAL B 138 6.03 0.63 3.55
N THR B 139 5.15 1.38 2.86
CA THR B 139 5.37 2.80 2.68
C THR B 139 4.08 3.58 2.97
N GLY B 140 4.22 4.82 3.47
CA GLY B 140 3.01 5.60 3.71
C GLY B 140 3.29 6.93 4.36
N TRP B 141 2.27 7.78 4.44
CA TRP B 141 2.38 9.11 5.07
C TRP B 141 1.61 9.13 6.39
N GLY B 142 1.38 7.96 6.96
CA GLY B 142 0.59 7.82 8.18
C GLY B 142 1.34 8.23 9.42
N ASN B 143 0.64 8.17 10.55
CA ASN B 143 1.24 8.54 11.82
C ASN B 143 2.58 7.87 12.10
N LEU B 144 3.49 8.63 12.68
CA LEU B 144 4.81 8.17 13.07
C LEU B 144 4.77 7.41 14.41
N LYS B 145 3.69 7.59 15.18
CA LYS B 145 3.55 7.01 16.53
C LYS B 145 2.09 6.75 16.79
N GLU B 146 1.80 5.74 17.64
CA GLU B 146 0.41 5.39 17.96
C GLU B 146 -0.31 6.53 18.69
N THR B 147 0.33 7.10 19.69
CA THR B 147 -0.23 8.20 20.49
C THR B 147 0.58 9.49 20.31
N GLY B 155 4.66 13.21 15.37
CA GLY B 155 3.28 12.94 15.01
C GLY B 155 3.09 12.49 13.57
N GLN B 156 3.08 13.46 12.63
CA GLN B 156 2.91 13.20 11.20
C GLN B 156 4.20 13.54 10.41
N PRO B 157 4.55 12.77 9.34
CA PRO B 157 5.82 13.03 8.64
C PRO B 157 5.76 14.12 7.57
N SER B 158 6.91 14.72 7.27
CA SER B 158 7.02 15.71 6.21
C SER B 158 7.04 15.00 4.85
N VAL B 159 7.71 13.82 4.77
CA VAL B 159 7.71 13.08 3.50
C VAL B 159 7.34 11.59 3.67
N LEU B 160 7.12 10.91 2.53
CA LEU B 160 6.81 9.47 2.46
C LEU B 160 7.80 8.68 3.33
N GLN B 161 7.26 7.79 4.17
CA GLN B 161 8.08 6.97 5.06
C GLN B 161 8.16 5.54 4.51
N VAL B 162 9.27 4.86 4.80
CA VAL B 162 9.51 3.48 4.35
C VAL B 162 9.97 2.63 5.50
N VAL B 163 9.50 1.38 5.57
CA VAL B 163 10.02 0.44 6.57
C VAL B 163 10.07 -0.96 5.97
N ASN B 164 11.14 -1.73 6.24
CA ASN B 164 11.22 -3.12 5.78
C ASN B 164 10.87 -4.03 6.96
N LEU B 165 9.98 -5.02 6.76
CA LEU B 165 9.48 -5.86 7.84
C LEU B 165 9.38 -7.31 7.44
N PRO B 166 9.76 -8.23 8.35
CA PRO B 166 9.68 -9.66 8.01
C PRO B 166 8.28 -10.25 8.14
N ILE B 167 7.93 -11.15 7.20
CA ILE B 167 6.68 -11.91 7.26
C ILE B 167 6.78 -12.82 8.49
N VAL B 168 5.67 -12.99 9.22
CA VAL B 168 5.68 -13.78 10.45
C VAL B 168 4.93 -15.10 10.26
N GLU B 169 5.38 -16.16 10.96
CA GLU B 169 4.73 -17.47 10.89
C GLU B 169 3.24 -17.35 11.28
N ARG B 170 2.33 -17.98 10.50
CA ARG B 170 0.87 -17.89 10.77
C ARG B 170 0.53 -18.25 12.24
N PRO B 171 1.09 -19.31 12.86
CA PRO B 171 0.77 -19.56 14.28
C PRO B 171 1.13 -18.41 15.22
N VAL B 172 2.28 -17.72 14.99
CA VAL B 172 2.75 -16.57 15.76
C VAL B 172 1.74 -15.40 15.57
N CYS B 173 1.28 -15.16 14.32
CA CYS B 173 0.25 -14.15 14.00
C CYS B 173 -1.02 -14.45 14.83
N LYS B 174 -1.54 -15.68 14.73
CA LYS B 174 -2.77 -16.12 15.40
C LYS B 174 -2.67 -15.99 16.94
N ASP B 175 -1.55 -16.41 17.50
CA ASP B 175 -1.31 -16.37 18.96
C ASP B 175 -1.06 -14.98 19.52
N SER B 176 -0.87 -13.95 18.67
CA SER B 176 -0.61 -12.60 19.14
C SER B 176 -1.90 -11.84 19.47
N THR B 177 -3.07 -12.36 19.06
CA THR B 177 -4.32 -11.62 19.13
C THR B 177 -5.52 -12.45 19.46
N ARG B 178 -6.62 -11.82 19.89
CA ARG B 178 -7.85 -12.53 20.11
C ARG B 178 -8.68 -12.51 18.82
N ILE B 179 -8.33 -11.65 17.84
CA ILE B 179 -9.09 -11.57 16.57
C ILE B 179 -8.88 -12.84 15.72
N ARG B 180 -9.92 -13.29 14.99
CA ARG B 180 -9.79 -14.44 14.09
C ARG B 180 -9.00 -14.02 12.82
N ILE B 181 -7.89 -14.71 12.54
CA ILE B 181 -7.01 -14.43 11.40
C ILE B 181 -7.39 -15.38 10.28
N THR B 182 -7.65 -14.85 9.06
CA THR B 182 -8.07 -15.69 7.94
C THR B 182 -6.93 -15.92 6.96
N ASP B 183 -7.12 -16.86 6.00
CA ASP B 183 -6.12 -17.13 4.98
C ASP B 183 -6.00 -15.93 4.00
N ASN B 184 -6.95 -14.97 4.06
CA ASN B 184 -6.87 -13.76 3.21
C ASN B 184 -6.01 -12.65 3.84
N MET B 185 -5.32 -12.98 4.95
CA MET B 185 -4.44 -12.07 5.68
C MET B 185 -3.11 -12.70 5.89
N PHE B 186 -2.08 -11.87 6.01
CA PHE B 186 -0.80 -12.35 6.52
C PHE B 186 -0.32 -11.27 7.50
N CYS B 187 0.60 -11.62 8.38
CA CYS B 187 1.09 -10.60 9.31
C CYS B 187 2.61 -10.42 9.18
N ALA B 188 3.09 -9.23 9.54
CA ALA B 188 4.50 -8.88 9.48
C ALA B 188 4.92 -7.97 10.61
N GLY B 189 6.20 -8.04 10.90
CA GLY B 189 6.78 -7.22 11.95
C GLY B 189 7.79 -8.02 12.72
N TYR B 190 8.56 -7.31 13.55
CA TYR B 190 9.58 -7.96 14.37
C TYR B 190 8.97 -8.46 15.69
N LYS B 191 9.53 -9.54 16.21
CA LYS B 191 9.16 -10.14 17.49
C LYS B 191 9.86 -9.33 18.57
N PRO B 192 9.30 -9.24 19.81
CA PRO B 192 9.98 -8.46 20.87
C PRO B 192 11.46 -8.80 21.07
N ASP B 193 11.85 -10.07 20.83
CA ASP B 193 13.22 -10.57 20.97
C ASP B 193 14.21 -10.18 19.85
N GLU B 194 13.72 -9.73 18.69
CA GLU B 194 14.55 -9.44 17.51
C GLU B 194 15.36 -8.12 17.59
N GLY B 195 15.00 -7.21 18.48
CA GLY B 195 15.74 -5.95 18.65
C GLY B 195 15.27 -4.81 17.77
N LYS B 196 14.98 -5.10 16.48
CA LYS B 196 14.49 -4.11 15.51
C LYS B 196 12.98 -3.90 15.69
N ARG B 197 12.47 -2.74 15.25
CA ARG B 197 11.07 -2.33 15.37
C ARG B 197 10.49 -1.90 13.99
N GLY B 198 9.26 -1.41 14.03
CA GLY B 198 8.58 -0.88 12.87
C GLY B 198 7.22 -1.46 12.63
N ASP B 199 6.34 -0.64 12.07
CA ASP B 199 4.99 -1.04 11.73
C ASP B 199 4.35 0.05 10.89
N ALA B 200 3.20 -0.28 10.32
CA ALA B 200 2.35 0.68 9.68
C ALA B 200 1.51 1.30 10.83
N CYS B 201 0.78 2.37 10.55
CA CYS B 201 -0.04 3.04 11.54
C CYS B 201 -1.23 3.69 10.86
N GLU B 202 -2.09 4.39 11.63
CA GLU B 202 -3.25 5.04 11.04
C GLU B 202 -2.81 6.02 9.93
N GLY B 203 -3.47 5.92 8.78
CA GLY B 203 -3.17 6.73 7.60
C GLY B 203 -2.36 5.98 6.56
N ASP B 204 -1.74 4.85 6.97
CA ASP B 204 -0.93 4.01 6.05
C ASP B 204 -1.78 2.95 5.37
N SER B 205 -3.04 2.73 5.88
CA SER B 205 -3.91 1.71 5.31
C SER B 205 -4.09 1.90 3.83
N GLY B 206 -4.22 0.81 3.10
CA GLY B 206 -4.41 0.87 1.67
C GLY B 206 -3.09 0.88 0.90
N GLY B 207 -2.00 1.24 1.60
CA GLY B 207 -0.67 1.26 1.01
C GLY B 207 -0.18 -0.13 0.70
N PRO B 208 0.90 -0.26 -0.09
CA PRO B 208 1.33 -1.61 -0.48
C PRO B 208 2.45 -2.17 0.41
N PHE B 209 2.43 -3.50 0.59
CA PHE B 209 3.50 -4.28 1.19
C PHE B 209 4.13 -4.92 -0.08
N VAL B 210 5.36 -4.52 -0.45
CA VAL B 210 5.98 -4.98 -1.69
C VAL B 210 7.21 -5.82 -1.39
N MET B 211 7.57 -6.68 -2.36
CA MET B 211 8.76 -7.52 -2.27
C MET B 211 9.46 -7.43 -3.59
N LYS B 212 10.80 -7.46 -3.58
CA LYS B 212 11.55 -7.43 -4.84
C LYS B 212 11.93 -8.84 -5.24
N SER B 213 11.39 -9.30 -6.34
CA SER B 213 11.69 -10.67 -6.70
C SER B 213 13.18 -10.84 -7.03
N PRO B 214 13.85 -11.85 -6.41
CA PRO B 214 15.27 -12.09 -6.73
C PRO B 214 15.46 -12.89 -8.04
N PHE B 215 14.35 -13.30 -8.65
CA PHE B 215 14.30 -14.07 -9.91
C PHE B 215 14.26 -13.15 -11.12
N ASN B 216 13.43 -12.10 -11.11
CA ASN B 216 13.36 -11.21 -12.27
C ASN B 216 13.59 -9.71 -11.92
N ASN B 217 14.00 -9.40 -10.67
CA ASN B 217 14.34 -8.06 -10.21
C ASN B 217 13.16 -7.07 -10.30
N ARG B 218 11.92 -7.58 -10.31
CA ARG B 218 10.75 -6.69 -10.33
C ARG B 218 10.11 -6.64 -8.93
N TRP B 219 9.47 -5.51 -8.64
CA TRP B 219 8.71 -5.33 -7.41
C TRP B 219 7.28 -5.77 -7.56
N TYR B 220 6.87 -6.64 -6.62
CA TYR B 220 5.52 -7.18 -6.57
C TYR B 220 4.81 -6.71 -5.30
N GLN B 221 3.52 -6.41 -5.43
CA GLN B 221 2.70 -6.04 -4.30
C GLN B 221 2.03 -7.31 -3.74
N MET B 222 2.55 -7.77 -2.60
CA MET B 222 2.04 -8.98 -1.96
C MET B 222 0.93 -8.68 -0.97
N GLY B 223 0.97 -7.49 -0.37
CA GLY B 223 -0.05 -7.19 0.63
C GLY B 223 -0.57 -5.78 0.55
N ILE B 224 -1.70 -5.56 1.24
CA ILE B 224 -2.27 -4.23 1.38
C ILE B 224 -2.27 -3.92 2.89
N VAL B 225 -1.75 -2.77 3.33
CA VAL B 225 -1.79 -2.37 4.74
C VAL B 225 -3.26 -2.41 5.20
N SER B 226 -3.56 -3.25 6.22
CA SER B 226 -4.96 -3.40 6.64
C SER B 226 -5.26 -2.99 8.09
N TRP B 227 -4.77 -3.74 9.07
CA TRP B 227 -5.06 -3.45 10.48
C TRP B 227 -4.01 -3.90 11.45
N GLY B 228 -4.09 -3.35 12.66
CA GLY B 228 -3.22 -3.72 13.76
C GLY B 228 -3.86 -3.26 15.05
N GLU B 229 -3.42 -3.84 16.17
CA GLU B 229 -3.88 -3.43 17.50
C GLU B 229 -2.87 -2.38 17.93
N GLY B 230 -3.25 -1.14 17.75
CA GLY B 230 -2.35 -0.01 17.97
C GLY B 230 -1.37 0.05 16.81
N CYS B 231 -0.14 0.56 17.06
CA CYS B 231 0.98 0.69 16.10
C CYS B 231 2.26 0.30 16.81
N ASP B 232 3.05 -0.61 16.21
CA ASP B 232 4.37 -1.00 16.71
C ASP B 232 4.40 -1.43 18.19
N ARG B 233 3.36 -2.15 18.63
CA ARG B 233 3.30 -2.65 20.00
C ARG B 233 4.08 -3.93 20.08
N ASP B 234 4.81 -4.14 21.21
CA ASP B 234 5.56 -5.37 21.41
C ASP B 234 4.58 -6.54 21.50
N GLY B 235 4.90 -7.60 20.80
CA GLY B 235 4.08 -8.80 20.76
C GLY B 235 2.89 -8.72 19.84
N LYS B 236 2.68 -7.56 19.17
CA LYS B 236 1.60 -7.39 18.18
C LYS B 236 2.27 -7.29 16.80
N TYR B 237 1.46 -7.48 15.75
CA TYR B 237 1.96 -7.43 14.38
C TYR B 237 0.99 -6.68 13.50
N GLY B 238 1.48 -6.26 12.33
CA GLY B 238 0.62 -5.62 11.36
C GLY B 238 0.02 -6.68 10.47
N PHE B 239 -1.26 -6.49 10.08
CA PHE B 239 -1.97 -7.41 9.25
C PHE B 239 -2.22 -6.79 7.90
N TYR B 240 -1.99 -7.60 6.86
CA TYR B 240 -2.07 -7.18 5.48
C TYR B 240 -2.96 -8.08 4.69
N THR B 241 -3.73 -7.49 3.78
CA THR B 241 -4.54 -8.26 2.86
C THR B 241 -3.63 -9.06 1.92
N HIS B 242 -3.91 -10.37 1.78
CA HIS B 242 -3.14 -11.27 0.93
C HIS B 242 -3.60 -11.05 -0.53
N VAL B 243 -2.84 -10.23 -1.29
CA VAL B 243 -3.24 -9.84 -2.63
C VAL B 243 -3.43 -11.05 -3.55
N PHE B 244 -2.47 -11.99 -3.56
CA PHE B 244 -2.60 -13.14 -4.43
C PHE B 244 -3.89 -13.94 -4.16
N ARG B 245 -4.25 -14.12 -2.90
CA ARG B 245 -5.47 -14.86 -2.57
C ARG B 245 -6.72 -14.25 -3.18
N LEU B 246 -6.71 -12.92 -3.41
CA LEU B 246 -7.87 -12.19 -3.95
C LEU B 246 -7.67 -11.74 -5.39
N LYS B 247 -6.65 -12.28 -6.08
CA LYS B 247 -6.36 -11.94 -7.47
C LYS B 247 -7.48 -12.33 -8.45
N LYS B 248 -8.20 -13.44 -8.19
CA LYS B 248 -9.30 -13.84 -9.09
C LYS B 248 -10.38 -12.74 -9.13
N TRP B 249 -10.65 -12.08 -7.98
CA TRP B 249 -11.61 -10.98 -7.89
C TRP B 249 -11.03 -9.76 -8.63
N ILE B 250 -9.72 -9.49 -8.41
CA ILE B 250 -9.06 -8.37 -9.07
C ILE B 250 -9.21 -8.47 -10.58
N GLN B 251 -8.85 -9.62 -11.14
CA GLN B 251 -8.90 -9.86 -12.57
C GLN B 251 -10.32 -9.80 -13.09
N LYS B 252 -11.30 -10.32 -12.32
CA LYS B 252 -12.73 -10.29 -12.70
C LYS B 252 -13.20 -8.85 -12.89
N VAL B 253 -12.87 -7.97 -11.91
CA VAL B 253 -13.24 -6.55 -11.96
C VAL B 253 -12.60 -5.84 -13.17
N ILE B 254 -11.29 -6.05 -13.38
CA ILE B 254 -10.57 -5.43 -14.50
C ILE B 254 -11.10 -5.96 -15.85
N ASP B 255 -11.38 -7.28 -15.93
CA ASP B 255 -11.92 -7.91 -17.15
C ASP B 255 -13.35 -7.46 -17.49
N GLN B 256 -14.17 -7.12 -16.48
CA GLN B 256 -15.58 -6.72 -16.64
C GLN B 256 -15.77 -5.22 -16.81
N PHE B 257 -14.90 -4.41 -16.20
CA PHE B 257 -15.09 -2.96 -16.27
C PHE B 257 -13.97 -2.23 -17.05
N GLY B 258 -13.23 -2.99 -17.86
CA GLY B 258 -12.18 -2.50 -18.77
C GLY B 258 -10.93 -1.92 -18.15
N GLU B 259 -9.79 -2.08 -18.84
CA GLU B 259 -8.49 -1.58 -18.38
C GLU B 259 -8.09 -0.26 -19.07
N ASP C 3 -3.32 22.38 7.39
CA ASP C 3 -1.99 21.77 7.35
C ASP C 3 -1.54 21.44 5.92
N PHE C 4 -2.49 21.24 5.00
CA PHE C 4 -2.22 20.90 3.60
C PHE C 4 -2.20 22.11 2.70
N GLU C 5 -1.15 22.22 1.86
CA GLU C 5 -1.01 23.29 0.89
C GLU C 5 -2.14 23.11 -0.15
N GLU C 6 -2.81 24.22 -0.52
CA GLU C 6 -3.91 24.22 -1.47
C GLU C 6 -3.51 23.64 -2.82
N ILE C 7 -4.45 22.97 -3.50
CA ILE C 7 -4.24 22.35 -4.79
C ILE C 7 -5.03 23.10 -5.90
N PRO C 8 -4.58 23.07 -7.20
CA PRO C 8 -5.34 23.77 -8.26
C PRO C 8 -6.83 23.42 -8.27
N GLU C 9 -7.68 24.45 -8.56
CA GLU C 9 -9.14 24.34 -8.56
C GLU C 9 -9.70 23.39 -9.62
N GLU C 10 -8.96 23.20 -10.73
CA GLU C 10 -9.34 22.32 -11.86
C GLU C 10 -9.61 20.85 -11.45
N TYS C 11 -9.06 20.41 -10.30
CA TYS C 11 -9.23 19.06 -9.75
CB TYS C 11 -7.95 18.54 -9.04
CG TYS C 11 -6.65 18.68 -9.79
CD1 TYS C 11 -6.44 18.02 -11.04
CD2 TYS C 11 -5.62 19.47 -9.20
CE1 TYS C 11 -5.19 18.21 -11.71
CE2 TYS C 11 -4.38 19.63 -9.88
CZ TYS C 11 -4.17 18.96 -11.13
OH TYS C 11 -2.94 19.11 -11.78
S TYS C 11 -1.84 17.99 -11.56
O1 TYS C 11 -1.52 18.03 -10.14
O2 TYS C 11 -2.42 16.88 -12.31
O3 TYS C 11 -0.62 18.61 -12.19
C TYS C 11 -10.35 19.00 -8.70
O TYS C 11 -10.99 17.96 -8.56
N LEU C 12 -10.56 20.11 -7.96
CA LEU C 12 -11.57 20.26 -6.89
C LEU C 12 -13.01 20.45 -7.41
N GLN C 13 -13.18 20.61 -8.73
CA GLN C 13 -14.48 20.81 -9.36
C GLN C 13 -14.84 19.65 -10.30
MG MG D . 4.99 -5.29 17.15
C1 GOL E . -11.97 -17.34 1.51
O1 GOL E . -12.77 -18.48 1.86
C2 GOL E . -12.25 -16.91 0.10
O2 GOL E . -11.79 -17.89 -0.83
C3 GOL E . -11.65 -15.56 -0.23
O3 GOL E . -12.51 -14.82 -1.08
C1 NAG F . -22.93 3.44 1.37
C2 NAG F . -23.99 2.50 1.94
C3 NAG F . -24.85 1.98 0.80
C4 NAG F . -25.43 3.12 -0.02
C5 NAG F . -24.30 4.01 -0.54
C6 NAG F . -24.80 5.25 -1.26
C7 NAG F . -23.41 1.26 3.99
C8 NAG F . -22.89 -0.05 4.53
N2 NAG F . -23.37 1.40 2.67
O3 NAG F . -25.90 1.16 1.32
O4 NAG F . -26.18 2.60 -1.11
O5 NAG F . -23.51 4.48 0.56
O6 NAG F . -23.73 5.98 -1.86
O7 NAG F . -23.84 2.13 4.74
C10 45S G . -7.57 -1.16 12.55
C12 45S G . -8.27 -1.99 13.49
O11 45S G . -6.34 -1.23 12.55
C22 45S G . -9.58 -2.38 13.61
C23 45S G . -9.69 -3.25 14.73
C24 45S G . -8.42 -3.39 15.24
N25 45S G . -7.58 -2.63 14.49
C26 45S G . -7.91 -4.17 16.37
N3 45S G . -8.28 -0.33 11.70
C4 45S G . -7.67 0.33 10.55
C6 45S G . -6.31 0.86 10.93
O8 45S G . -6.11 1.58 11.89
C5 45S G . -8.63 1.44 10.24
C1 45S G . -9.98 0.90 10.64
C2 45S G . -9.68 0.04 11.84
N7 45S G . -5.34 0.41 10.07
C9 45S G . -4.00 0.92 10.19
C13 45S G . -2.97 -0.04 10.69
C14 45S G . -2.49 -0.01 11.99
C20 45S G . -3.01 0.97 13.00
N21 45S G . -4.05 0.34 13.86
C15 45S G . -1.52 -0.89 12.42
C16 45S G . -0.99 -1.81 11.53
C17 45S G . -1.48 -1.86 10.24
CL 45S G . -0.84 -3.08 9.16
C18 45S G . -2.45 -0.98 9.81
#